data_4Q4D
#
_entry.id   4Q4D
#
_cell.length_a   88.790
_cell.length_b   110.681
_cell.length_c   41.379
_cell.angle_alpha   90.00
_cell.angle_beta   90.00
_cell.angle_gamma   90.00
#
_symmetry.space_group_name_H-M   'P 21 21 21'
#
loop_
_entity.id
_entity.type
_entity.pdbx_description
1 polymer 'Inositol hexakisphosphate and diphosphoinositol-pentakisphosphate kinase 2'
2 non-polymer 'PHOSPHOAMINOPHOSPHONIC ACID-ADENYLATE ESTER'
3 non-polymer '(1R,3S,4S,5R,6S)-2,4,5,6-tetrakis(phosphonooxy)cyclohexane-1,3-diyl bis[trihydrogen (diphosphate)]'
4 non-polymer 'MAGNESIUM ION'
5 water water
#
_entity_poly.entity_id   1
_entity_poly.type   'polypeptide(L)'
_entity_poly.pdbx_seq_one_letter_code
;GSFTERQIVVGICSMAKKSKSKPMKEILERISLFKYITVVVFEEEVILNEPVENWPLCDCLISFHSKGFPLDKAVAYAKL
RNPFVINDLNMQYLIQDRREVYSILQAEGILLPRYAILNRDPNNPKECNLIEGEDHVEVNGEVFQKPFVEKPVSAEDHNV
YIYYPTSAGGGSQRLFRKIGSRSSVYSPESNVRKTGSYIYEEFMPTDGTDVKVYTVGPDYAHAEARKSPALDGKVERDSE
GKEVRYPVILNAREKLIAWKVCLAFKQTVCGFDLLRANGQSYVCDVNGFSFVKNSMKYYDDCAKILGNIVMRELAPQFHI
PWSIPLEAED
;
_entity_poly.pdbx_strand_id   A
#
# COMPACT_ATOMS: atom_id res chain seq x y z
N GLN A 7 30.50 10.48 -7.98
CA GLN A 7 29.15 10.59 -7.30
C GLN A 7 28.38 9.31 -7.43
N ILE A 8 27.69 8.95 -6.35
CA ILE A 8 26.76 7.83 -6.36
C ILE A 8 25.43 8.38 -6.88
N VAL A 9 24.87 7.71 -7.88
CA VAL A 9 23.68 8.18 -8.57
C VAL A 9 22.45 7.40 -8.07
N VAL A 10 21.47 8.14 -7.57
CA VAL A 10 20.22 7.55 -7.13
C VAL A 10 19.19 7.91 -8.17
N GLY A 11 18.66 6.89 -8.82
CA GLY A 11 17.70 7.08 -9.91
C GLY A 11 16.30 6.90 -9.39
N ILE A 12 15.38 7.76 -9.83
CA ILE A 12 14.00 7.72 -9.40
C ILE A 12 13.18 7.45 -10.67
N CYS A 13 12.46 6.34 -10.63
CA CYS A 13 11.73 5.83 -11.77
C CYS A 13 10.29 5.55 -11.36
N SER A 14 9.42 6.50 -11.67
CA SER A 14 7.98 6.34 -11.47
C SER A 14 7.22 7.31 -12.39
N MET A 15 5.91 7.21 -12.40
CA MET A 15 5.10 8.12 -13.21
C MET A 15 5.29 9.55 -12.70
N ALA A 16 5.08 10.51 -13.59
CA ALA A 16 5.31 11.91 -13.25
C ALA A 16 4.40 12.41 -12.11
N LYS A 17 3.18 11.89 -12.03
CA LYS A 17 2.27 12.27 -10.94
C LYS A 17 2.91 11.98 -9.58
N LYS A 18 3.72 10.92 -9.54
CA LYS A 18 4.42 10.54 -8.31
C LYS A 18 5.80 11.21 -8.17
N SER A 19 6.56 11.26 -9.27
N SER A 19 6.58 11.25 -9.26
CA SER A 19 7.91 11.83 -9.23
CA SER A 19 7.93 11.80 -9.18
C SER A 19 7.93 13.33 -8.99
C SER A 19 7.94 13.32 -9.01
N LYS A 20 6.83 14.00 -9.33
CA LYS A 20 6.70 15.45 -9.18
C LYS A 20 5.76 15.83 -8.05
N SER A 21 5.28 14.84 -7.30
CA SER A 21 4.43 15.10 -6.14
C SER A 21 5.22 15.91 -5.13
N LYS A 22 4.49 16.68 -4.31
CA LYS A 22 5.15 17.47 -3.29
C LYS A 22 6.01 16.67 -2.33
N PRO A 23 5.49 15.54 -1.80
CA PRO A 23 6.34 14.76 -0.90
C PRO A 23 7.62 14.27 -1.55
N MET A 24 7.51 13.79 -2.79
CA MET A 24 8.69 13.35 -3.49
C MET A 24 9.71 14.48 -3.61
N LYS A 25 9.29 15.64 -4.09
CA LYS A 25 10.21 16.75 -4.29
C LYS A 25 10.85 17.15 -2.98
N GLU A 26 10.08 17.12 -1.89
CA GLU A 26 10.61 17.48 -0.56
C GLU A 26 11.70 16.48 -0.15
N ILE A 27 11.45 15.21 -0.38
CA ILE A 27 12.43 14.20 0.02
C ILE A 27 13.66 14.23 -0.89
N LEU A 28 13.46 14.33 -2.21
CA LEU A 28 14.58 14.36 -3.12
C LEU A 28 15.50 15.55 -2.91
N GLU A 29 14.94 16.72 -2.61
CA GLU A 29 15.82 17.87 -2.36
C GLU A 29 16.69 17.65 -1.11
N ARG A 30 16.20 16.88 -0.14
CA ARG A 30 16.96 16.56 1.06
C ARG A 30 17.99 15.45 0.82
N ILE A 31 17.63 14.44 0.02
CA ILE A 31 18.60 13.41 -0.35
C ILE A 31 19.78 14.05 -1.09
N SER A 32 19.50 15.04 -1.94
CA SER A 32 20.53 15.71 -2.70
C SER A 32 21.53 16.46 -1.81
N LEU A 33 21.18 16.73 -0.55
CA LEU A 33 22.13 17.38 0.36
C LEU A 33 23.29 16.45 0.76
N PHE A 34 23.11 15.14 0.54
CA PHE A 34 24.22 14.20 0.79
C PHE A 34 25.34 14.54 -0.18
N LYS A 35 26.55 14.74 0.35
CA LYS A 35 27.68 15.25 -0.42
C LYS A 35 28.01 14.39 -1.64
N TYR A 36 27.90 13.08 -1.49
CA TYR A 36 28.32 12.13 -2.53
C TYR A 36 27.18 11.52 -3.32
N ILE A 37 25.97 12.04 -3.15
CA ILE A 37 24.81 11.51 -3.87
C ILE A 37 24.29 12.53 -4.86
N THR A 38 24.02 12.06 -6.08
CA THR A 38 23.35 12.85 -7.11
C THR A 38 22.05 12.12 -7.44
N VAL A 39 20.94 12.85 -7.45
CA VAL A 39 19.61 12.32 -7.76
C VAL A 39 19.29 12.60 -9.22
N VAL A 40 18.82 11.58 -9.92
CA VAL A 40 18.41 11.71 -11.29
C VAL A 40 16.97 11.20 -11.37
N VAL A 41 16.05 12.04 -11.83
CA VAL A 41 14.67 11.62 -11.92
C VAL A 41 14.36 11.29 -13.37
N PHE A 42 13.94 10.06 -13.65
CA PHE A 42 13.71 9.61 -15.01
C PHE A 42 12.45 10.27 -15.55
N GLU A 43 12.52 10.87 -16.73
CA GLU A 43 11.36 11.57 -17.28
C GLU A 43 10.28 10.56 -17.63
N GLU A 44 9.01 10.93 -17.45
CA GLU A 44 7.93 10.00 -17.78
C GLU A 44 7.95 9.61 -19.26
N GLU A 45 8.22 10.57 -20.14
CA GLU A 45 8.23 10.23 -21.57
C GLU A 45 9.32 9.19 -21.87
N VAL A 46 10.41 9.23 -21.12
CA VAL A 46 11.51 8.27 -21.30
C VAL A 46 11.06 6.90 -20.80
N ILE A 47 10.47 6.88 -19.62
CA ILE A 47 9.95 5.64 -19.04
C ILE A 47 8.96 4.95 -19.98
N LEU A 48 8.03 5.73 -20.53
CA LEU A 48 6.97 5.17 -21.36
C LEU A 48 7.42 4.78 -22.75
N ASN A 49 8.22 5.64 -23.37
CA ASN A 49 8.51 5.56 -24.80
C ASN A 49 9.91 5.15 -25.20
N GLU A 50 10.90 5.25 -24.30
CA GLU A 50 12.28 4.86 -24.65
C GLU A 50 12.55 3.43 -24.19
N PRO A 51 13.30 2.66 -25.00
CA PRO A 51 13.75 1.34 -24.55
C PRO A 51 14.64 1.47 -23.32
N VAL A 52 14.59 0.48 -22.43
CA VAL A 52 15.32 0.56 -21.19
C VAL A 52 16.84 0.75 -21.40
N GLU A 53 17.36 0.31 -22.57
CA GLU A 53 18.77 0.50 -22.89
C GLU A 53 19.16 2.00 -22.95
N ASN A 54 18.16 2.87 -23.17
CA ASN A 54 18.40 4.31 -23.24
C ASN A 54 18.13 5.08 -21.95
N TRP A 55 17.59 4.39 -20.94
CA TRP A 55 17.30 5.03 -19.65
C TRP A 55 18.60 5.42 -18.97
N PRO A 56 18.58 6.49 -18.15
CA PRO A 56 19.80 6.92 -17.46
C PRO A 56 20.33 5.81 -16.58
N LEU A 57 21.65 5.78 -16.42
CA LEU A 57 22.29 4.90 -15.44
C LEU A 57 22.05 5.42 -14.02
N CYS A 58 22.01 4.48 -13.06
CA CYS A 58 22.07 4.78 -11.65
C CYS A 58 22.74 3.62 -10.89
N ASP A 59 23.21 3.92 -9.71
CA ASP A 59 23.83 2.92 -8.84
C ASP A 59 22.82 2.35 -7.86
N CYS A 60 21.81 3.15 -7.56
CA CYS A 60 20.71 2.77 -6.66
C CYS A 60 19.41 3.20 -7.32
N LEU A 61 18.44 2.30 -7.37
CA LEU A 61 17.19 2.59 -8.07
C LEU A 61 16.02 2.60 -7.09
N ILE A 62 15.28 3.70 -7.06
CA ILE A 62 14.01 3.83 -6.33
C ILE A 62 12.92 3.87 -7.40
N SER A 63 12.16 2.79 -7.52
CA SER A 63 11.19 2.68 -8.59
C SER A 63 9.99 1.96 -8.03
N PHE A 64 8.81 2.42 -8.41
CA PHE A 64 7.57 1.81 -7.93
C PHE A 64 6.42 2.02 -8.89
N HIS A 65 5.50 1.07 -8.83
CA HIS A 65 4.38 1.02 -9.72
C HIS A 65 3.27 1.91 -9.21
N SER A 66 2.64 2.60 -10.14
CA SER A 66 1.33 3.19 -9.92
C SER A 66 0.57 3.07 -11.23
N LYS A 67 -0.67 3.56 -11.26
CA LYS A 67 -1.49 3.44 -12.47
C LYS A 67 -0.74 3.89 -13.73
N GLY A 68 -0.66 3.01 -14.71
CA GLY A 68 -0.04 3.37 -15.99
C GLY A 68 1.45 3.07 -16.08
N PHE A 69 2.06 2.72 -14.97
CA PHE A 69 3.50 2.42 -14.95
C PHE A 69 3.84 1.07 -15.56
N PRO A 70 4.81 1.05 -16.50
CA PRO A 70 5.31 -0.18 -17.13
C PRO A 70 6.29 -0.98 -16.24
N LEU A 71 5.76 -1.75 -15.31
CA LEU A 71 6.61 -2.47 -14.37
C LEU A 71 7.54 -3.48 -15.09
N ASP A 72 7.08 -4.10 -16.18
N ASP A 72 7.01 -4.05 -16.19
CA ASP A 72 7.96 -4.99 -16.97
CA ASP A 72 7.76 -4.87 -17.14
C ASP A 72 9.24 -4.22 -17.37
C ASP A 72 9.12 -4.25 -17.50
N LYS A 73 9.09 -2.96 -17.81
CA LYS A 73 10.29 -2.20 -18.23
C LYS A 73 11.24 -1.91 -17.06
N ALA A 74 10.68 -1.55 -15.91
CA ALA A 74 11.48 -1.31 -14.72
C ALA A 74 12.23 -2.57 -14.32
N VAL A 75 11.55 -3.71 -14.36
CA VAL A 75 12.19 -5.00 -14.12
C VAL A 75 13.36 -5.27 -15.07
N ALA A 76 13.14 -5.06 -16.36
CA ALA A 76 14.15 -5.29 -17.40
C ALA A 76 15.32 -4.32 -17.27
N TYR A 77 15.04 -3.10 -16.83
CA TYR A 77 16.10 -2.11 -16.58
C TYR A 77 16.98 -2.56 -15.42
N ALA A 78 16.34 -2.98 -14.32
CA ALA A 78 17.08 -3.48 -13.17
C ALA A 78 17.92 -4.73 -13.51
N LYS A 79 17.39 -5.60 -14.35
CA LYS A 79 18.14 -6.79 -14.74
C LYS A 79 19.33 -6.37 -15.61
N LEU A 80 19.10 -5.42 -16.50
CA LEU A 80 20.17 -4.91 -17.41
C LEU A 80 21.32 -4.23 -16.68
N ARG A 81 21.00 -3.33 -15.74
CA ARG A 81 22.01 -2.45 -15.07
C ARG A 81 22.42 -2.90 -13.65
N ASN A 82 21.66 -3.81 -13.09
CA ASN A 82 21.89 -4.36 -11.76
C ASN A 82 22.21 -3.30 -10.68
N PRO A 83 21.36 -2.27 -10.54
CA PRO A 83 21.52 -1.33 -9.42
C PRO A 83 21.09 -1.95 -8.09
N PHE A 84 21.51 -1.32 -7.01
CA PHE A 84 20.97 -1.56 -5.68
C PHE A 84 19.51 -1.09 -5.65
N VAL A 85 18.59 -2.01 -5.44
CA VAL A 85 17.16 -1.68 -5.52
C VAL A 85 16.52 -1.51 -4.12
N ILE A 86 15.96 -0.32 -3.86
CA ILE A 86 15.37 0.03 -2.54
C ILE A 86 14.03 -0.70 -2.30
N ASN A 87 13.20 -0.72 -3.32
CA ASN A 87 11.89 -1.38 -3.27
C ASN A 87 11.88 -2.40 -4.39
N ASP A 88 11.89 -3.69 -4.01
CA ASP A 88 11.95 -4.79 -4.96
C ASP A 88 10.83 -4.70 -5.97
N LEU A 89 11.17 -4.84 -7.26
CA LEU A 89 10.24 -4.65 -8.33
C LEU A 89 9.31 -5.85 -8.59
N ASN A 90 9.85 -7.06 -8.52
CA ASN A 90 9.00 -8.23 -8.77
C ASN A 90 7.91 -8.37 -7.72
N MET A 91 8.20 -7.98 -6.47
N MET A 91 8.21 -7.98 -6.48
CA MET A 91 7.16 -8.04 -5.44
CA MET A 91 7.21 -7.99 -5.43
C MET A 91 6.00 -7.05 -5.72
C MET A 91 6.02 -7.06 -5.73
N GLN A 92 6.25 -6.03 -6.55
CA GLN A 92 5.21 -5.06 -6.88
C GLN A 92 4.12 -5.63 -7.80
N TYR A 93 4.41 -6.72 -8.47
CA TYR A 93 3.35 -7.49 -9.15
C TYR A 93 2.44 -8.12 -8.08
N LEU A 94 3.04 -8.70 -7.05
CA LEU A 94 2.28 -9.41 -6.00
C LEU A 94 1.42 -8.47 -5.19
N ILE A 95 1.92 -7.26 -4.95
CA ILE A 95 1.20 -6.24 -4.18
C ILE A 95 -0.08 -5.80 -4.88
N GLN A 96 -0.15 -6.01 -6.19
CA GLN A 96 -1.35 -5.67 -6.97
C GLN A 96 -2.52 -6.67 -6.79
N ASP A 97 -2.27 -7.78 -6.11
CA ASP A 97 -3.23 -8.86 -5.96
C ASP A 97 -3.42 -9.12 -4.44
N ARG A 98 -4.59 -8.78 -3.93
N ARG A 98 -4.60 -8.78 -3.94
CA ARG A 98 -4.90 -8.94 -2.50
CA ARG A 98 -4.92 -8.94 -2.52
C ARG A 98 -4.74 -10.37 -1.99
C ARG A 98 -4.76 -10.37 -1.99
N ARG A 99 -4.98 -11.36 -2.85
CA ARG A 99 -4.77 -12.76 -2.48
C ARG A 99 -3.30 -13.03 -2.15
N GLU A 100 -2.43 -12.47 -2.95
CA GLU A 100 -0.98 -12.67 -2.77
C GLU A 100 -0.50 -11.94 -1.50
N VAL A 101 -1.03 -10.73 -1.29
CA VAL A 101 -0.69 -9.94 -0.08
C VAL A 101 -1.10 -10.69 1.19
N TYR A 102 -2.33 -11.16 1.23
CA TYR A 102 -2.83 -11.87 2.42
C TYR A 102 -2.07 -13.17 2.62
N SER A 103 -1.73 -13.86 1.52
CA SER A 103 -0.90 -15.07 1.61
C SER A 103 0.45 -14.80 2.31
N ILE A 104 1.11 -13.71 1.93
CA ILE A 104 2.41 -13.33 2.53
C ILE A 104 2.27 -12.97 4.03
N LEU A 105 1.24 -12.21 4.37
CA LEU A 105 0.96 -11.81 5.75
C LEU A 105 0.80 -13.03 6.64
N GLN A 106 0.02 -13.99 6.15
CA GLN A 106 -0.21 -15.24 6.85
C GLN A 106 1.10 -16.00 7.06
N ALA A 107 1.89 -16.09 6.00
CA ALA A 107 3.18 -16.78 6.07
C ALA A 107 4.15 -16.14 7.08
N GLU A 108 3.97 -14.85 7.36
CA GLU A 108 4.78 -14.12 8.32
C GLU A 108 4.24 -14.05 9.74
N GLY A 109 3.18 -14.80 10.00
CA GLY A 109 2.60 -14.83 11.33
C GLY A 109 1.95 -13.50 11.73
N ILE A 110 1.49 -12.73 10.72
CA ILE A 110 0.88 -11.43 10.95
C ILE A 110 -0.63 -11.56 11.04
N LEU A 111 -1.20 -11.05 12.14
CA LEU A 111 -2.62 -11.09 12.36
C LEU A 111 -3.31 -10.32 11.25
N LEU A 112 -4.33 -10.95 10.70
CA LEU A 112 -5.17 -10.30 9.71
C LEU A 112 -6.61 -10.80 9.87
N PRO A 113 -7.57 -10.11 9.28
CA PRO A 113 -8.94 -10.59 9.43
C PRO A 113 -9.11 -12.01 8.89
N ARG A 114 -9.95 -12.81 9.52
N ARG A 114 -9.95 -12.81 9.52
CA ARG A 114 -10.36 -14.09 8.93
CA ARG A 114 -10.34 -14.10 8.93
C ARG A 114 -10.93 -13.79 7.55
C ARG A 114 -10.93 -13.79 7.55
N TYR A 115 -10.52 -14.57 6.55
CA TYR A 115 -10.93 -14.31 5.16
C TYR A 115 -11.04 -15.58 4.33
N ALA A 116 -11.75 -15.46 3.22
CA ALA A 116 -11.86 -16.52 2.23
C ALA A 116 -11.93 -15.91 0.83
N ILE A 117 -11.31 -16.57 -0.15
CA ILE A 117 -11.23 -16.06 -1.50
C ILE A 117 -12.33 -16.71 -2.33
N LEU A 118 -13.16 -15.89 -2.97
CA LEU A 118 -14.14 -16.37 -3.93
C LEU A 118 -13.62 -16.12 -5.34
N ASN A 119 -13.10 -17.16 -5.99
CA ASN A 119 -12.59 -17.01 -7.35
C ASN A 119 -13.70 -17.41 -8.29
N ARG A 120 -14.12 -16.48 -9.14
CA ARG A 120 -15.27 -16.70 -10.00
C ARG A 120 -14.83 -16.76 -11.46
N ASP A 121 -15.35 -17.74 -12.19
CA ASP A 121 -15.08 -17.90 -13.63
C ASP A 121 -16.00 -16.95 -14.38
N PRO A 122 -15.44 -15.93 -15.05
CA PRO A 122 -16.31 -14.96 -15.72
C PRO A 122 -17.17 -15.57 -16.84
N ASN A 123 -16.81 -16.77 -17.32
CA ASN A 123 -17.66 -17.49 -18.28
C ASN A 123 -18.74 -18.36 -17.64
N ASN A 124 -18.57 -18.69 -16.36
CA ASN A 124 -19.54 -19.48 -15.62
C ASN A 124 -19.69 -18.91 -14.19
N PRO A 125 -20.21 -17.67 -14.07
CA PRO A 125 -20.16 -16.95 -12.78
C PRO A 125 -21.00 -17.56 -11.66
N LYS A 126 -21.90 -18.48 -11.99
CA LYS A 126 -22.78 -19.10 -10.99
C LYS A 126 -22.20 -20.39 -10.43
N GLU A 127 -21.11 -20.87 -11.02
CA GLU A 127 -20.49 -22.15 -10.61
C GLU A 127 -19.50 -22.00 -9.46
N CYS A 128 -19.27 -20.78 -8.99
CA CYS A 128 -18.32 -20.58 -7.89
C CYS A 128 -18.92 -21.00 -6.55
N ASN A 129 -18.05 -21.12 -5.54
CA ASN A 129 -18.41 -21.67 -4.25
C ASN A 129 -19.00 -20.62 -3.33
N LEU A 130 -20.15 -20.07 -3.71
CA LEU A 130 -20.80 -19.04 -2.90
C LEU A 130 -22.24 -19.44 -2.61
N ILE A 131 -22.63 -19.41 -1.34
CA ILE A 131 -24.04 -19.51 -0.92
C ILE A 131 -24.34 -18.25 -0.11
N GLU A 132 -25.46 -17.62 -0.42
CA GLU A 132 -25.85 -16.41 0.22
C GLU A 132 -27.13 -16.58 1.02
N GLY A 133 -27.10 -16.15 2.28
CA GLY A 133 -28.29 -15.97 3.09
C GLY A 133 -28.52 -14.48 3.26
N GLU A 134 -29.63 -14.11 3.90
CA GLU A 134 -29.91 -12.69 4.12
C GLU A 134 -28.93 -12.01 5.08
N ASP A 135 -28.35 -12.76 6.04
CA ASP A 135 -27.42 -12.23 7.03
C ASP A 135 -26.06 -12.90 7.04
N HIS A 136 -25.77 -13.67 6.00
CA HIS A 136 -24.45 -14.27 5.86
C HIS A 136 -24.14 -14.71 4.44
N VAL A 137 -22.86 -14.96 4.20
CA VAL A 137 -22.42 -15.72 3.04
C VAL A 137 -21.60 -16.93 3.50
N GLU A 138 -21.51 -17.92 2.63
CA GLU A 138 -20.64 -19.06 2.79
C GLU A 138 -19.76 -19.12 1.54
N VAL A 139 -18.45 -18.98 1.74
CA VAL A 139 -17.50 -18.90 0.66
C VAL A 139 -16.57 -20.09 0.81
N ASN A 140 -16.62 -21.01 -0.15
CA ASN A 140 -15.90 -22.31 -0.02
C ASN A 140 -16.26 -23.01 1.29
N GLY A 141 -17.51 -22.89 1.71
CA GLY A 141 -18.00 -23.54 2.95
C GLY A 141 -17.81 -22.72 4.23
N GLU A 142 -17.03 -21.67 4.14
CA GLU A 142 -16.64 -20.87 5.30
C GLU A 142 -17.68 -19.79 5.51
N VAL A 143 -18.21 -19.71 6.71
CA VAL A 143 -19.32 -18.79 7.00
C VAL A 143 -18.82 -17.42 7.44
N PHE A 144 -19.36 -16.36 6.84
CA PHE A 144 -19.19 -14.98 7.31
C PHE A 144 -20.58 -14.38 7.63
N GLN A 145 -20.85 -14.22 8.92
CA GLN A 145 -22.02 -13.49 9.38
C GLN A 145 -21.81 -11.99 9.13
N LYS A 146 -22.87 -11.28 8.77
CA LYS A 146 -22.84 -9.83 8.64
C LYS A 146 -22.66 -9.25 10.02
N PRO A 147 -21.83 -8.18 10.17
CA PRO A 147 -21.14 -7.47 9.07
C PRO A 147 -19.91 -8.19 8.57
N PHE A 148 -19.73 -8.14 7.25
CA PHE A 148 -18.50 -8.61 6.59
C PHE A 148 -18.10 -7.65 5.48
N VAL A 149 -16.86 -7.83 5.00
CA VAL A 149 -16.26 -6.97 4.02
C VAL A 149 -15.96 -7.76 2.75
N GLU A 150 -16.22 -7.14 1.60
CA GLU A 150 -16.04 -7.73 0.29
C GLU A 150 -15.08 -6.85 -0.52
N LYS A 151 -13.91 -7.39 -0.83
CA LYS A 151 -12.85 -6.64 -1.53
C LYS A 151 -12.55 -7.27 -2.90
N PRO A 152 -12.51 -6.45 -3.97
CA PRO A 152 -12.01 -6.94 -5.25
C PRO A 152 -10.64 -7.59 -5.09
N VAL A 153 -10.41 -8.70 -5.77
CA VAL A 153 -9.08 -9.34 -5.69
C VAL A 153 -7.97 -8.42 -6.16
N SER A 154 -8.27 -7.51 -7.07
CA SER A 154 -7.29 -6.53 -7.51
C SER A 154 -7.14 -5.45 -6.44
N ALA A 155 -5.92 -5.26 -5.94
CA ALA A 155 -5.64 -4.28 -4.90
C ALA A 155 -5.75 -2.86 -5.46
N GLU A 156 -5.71 -2.72 -6.78
CA GLU A 156 -5.87 -1.43 -7.42
C GLU A 156 -7.34 -1.02 -7.57
N ASP A 157 -8.26 -1.95 -7.29
CA ASP A 157 -9.69 -1.65 -7.36
C ASP A 157 -10.16 -1.37 -5.94
N HIS A 158 -10.47 -0.10 -5.67
CA HIS A 158 -10.84 0.35 -4.31
C HIS A 158 -12.34 0.32 -3.97
N ASN A 159 -13.13 -0.33 -4.82
CA ASN A 159 -14.56 -0.55 -4.63
C ASN A 159 -14.82 -1.70 -3.62
N VAL A 160 -14.48 -1.40 -2.38
CA VAL A 160 -14.67 -2.31 -1.26
C VAL A 160 -16.06 -2.06 -0.68
N TYR A 161 -16.80 -3.14 -0.44
CA TYR A 161 -18.16 -3.02 0.12
C TYR A 161 -18.25 -3.69 1.48
N ILE A 162 -19.05 -3.09 2.35
CA ILE A 162 -19.35 -3.61 3.70
C ILE A 162 -20.84 -3.90 3.75
N TYR A 163 -21.19 -5.10 4.22
CA TYR A 163 -22.58 -5.53 4.26
C TYR A 163 -23.10 -5.58 5.69
N TYR A 164 -24.14 -4.81 5.96
CA TYR A 164 -24.68 -4.66 7.32
C TYR A 164 -25.68 -5.77 7.65
N PRO A 165 -25.73 -6.19 8.91
CA PRO A 165 -26.78 -7.16 9.31
C PRO A 165 -28.18 -6.56 9.32
N THR A 166 -29.19 -7.43 9.15
CA THR A 166 -30.58 -7.04 9.30
C THR A 166 -30.83 -6.27 10.62
N SER A 167 -30.19 -6.68 11.71
CA SER A 167 -30.36 -5.99 13.00
C SER A 167 -29.95 -4.51 12.96
N ALA A 168 -29.15 -4.15 11.95
CA ALA A 168 -28.71 -2.77 11.79
C ALA A 168 -29.42 -2.05 10.65
N GLY A 169 -30.42 -2.66 10.04
CA GLY A 169 -31.11 -2.08 8.91
C GLY A 169 -30.65 -2.61 7.56
N GLY A 170 -29.65 -3.48 7.53
CA GLY A 170 -29.25 -4.09 6.27
C GLY A 170 -28.60 -3.11 5.32
N GLY A 171 -28.60 -3.46 4.05
CA GLY A 171 -27.95 -2.65 3.01
C GLY A 171 -26.44 -2.80 3.06
N SER A 172 -25.73 -1.80 2.52
CA SER A 172 -24.27 -1.91 2.37
C SER A 172 -23.63 -0.53 2.29
N GLN A 173 -22.35 -0.48 2.62
CA GLN A 173 -21.55 0.72 2.42
C GLN A 173 -20.60 0.45 1.25
N ARG A 174 -20.65 1.31 0.24
CA ARG A 174 -19.81 1.18 -0.94
C ARG A 174 -18.70 2.21 -0.86
N LEU A 175 -17.48 1.72 -0.62
CA LEU A 175 -16.28 2.56 -0.54
C LEU A 175 -15.69 2.76 -1.92
N PHE A 176 -14.95 3.84 -2.09
CA PHE A 176 -14.30 4.15 -3.35
C PHE A 176 -13.14 5.15 -3.12
N ARG A 177 -12.25 5.22 -4.10
CA ARG A 177 -11.19 6.24 -4.08
C ARG A 177 -11.88 7.57 -3.83
N LYS A 178 -11.39 8.33 -2.86
CA LYS A 178 -12.03 9.59 -2.45
C LYS A 178 -12.24 10.50 -3.63
N ILE A 179 -13.40 11.15 -3.63
CA ILE A 179 -13.75 12.19 -4.59
C ILE A 179 -14.19 13.37 -3.71
N GLY A 180 -13.37 14.41 -3.62
CA GLY A 180 -13.71 15.59 -2.83
C GLY A 180 -14.20 15.30 -1.41
N SER A 181 -15.47 15.53 -1.16
CA SER A 181 -15.99 15.44 0.20
C SER A 181 -16.33 14.01 0.63
N ARG A 182 -16.27 13.02 -0.28
CA ARG A 182 -16.77 11.66 0.06
C ARG A 182 -15.86 10.49 -0.25
N SER A 183 -15.91 9.47 0.61
CA SER A 183 -15.13 8.25 0.46
C SER A 183 -15.98 6.98 0.45
N SER A 184 -17.27 7.11 0.74
CA SER A 184 -18.18 5.99 0.64
C SER A 184 -19.63 6.50 0.62
N VAL A 185 -20.53 5.63 0.21
CA VAL A 185 -21.95 5.91 0.26
C VAL A 185 -22.75 4.66 0.63
N TYR A 186 -23.85 4.86 1.33
CA TYR A 186 -24.74 3.79 1.72
C TYR A 186 -25.57 3.38 0.50
N SER A 187 -25.80 2.09 0.38
CA SER A 187 -26.71 1.56 -0.62
C SER A 187 -27.74 0.65 0.07
N PRO A 188 -29.00 0.68 -0.39
CA PRO A 188 -29.96 -0.25 0.18
C PRO A 188 -29.71 -1.70 -0.23
N GLU A 189 -28.80 -1.93 -1.18
CA GLU A 189 -28.57 -3.30 -1.68
C GLU A 189 -27.97 -4.17 -0.56
N SER A 190 -28.60 -5.31 -0.30
CA SER A 190 -28.10 -6.21 0.75
C SER A 190 -27.39 -7.45 0.20
N ASN A 191 -27.57 -7.75 -1.09
CA ASN A 191 -26.97 -8.93 -1.69
C ASN A 191 -25.59 -8.62 -2.27
N VAL A 192 -24.69 -9.60 -2.19
CA VAL A 192 -23.33 -9.38 -2.60
C VAL A 192 -23.22 -9.23 -4.12
N ARG A 193 -22.09 -8.73 -4.59
CA ARG A 193 -21.85 -8.59 -6.03
C ARG A 193 -21.84 -9.98 -6.72
N LYS A 194 -22.36 -10.04 -7.95
CA LYS A 194 -22.51 -11.34 -8.62
C LYS A 194 -21.54 -11.56 -9.79
N THR A 195 -20.75 -10.54 -10.11
CA THR A 195 -19.64 -10.69 -11.06
C THR A 195 -18.36 -10.20 -10.45
N GLY A 196 -17.26 -10.83 -10.84
CA GLY A 196 -15.93 -10.54 -10.33
C GLY A 196 -15.51 -11.49 -9.23
N SER A 197 -14.22 -11.50 -8.90
CA SER A 197 -13.68 -12.31 -7.80
C SER A 197 -13.38 -11.40 -6.62
N TYR A 198 -13.62 -11.92 -5.42
CA TYR A 198 -13.56 -11.15 -4.18
C TYR A 198 -12.90 -11.90 -3.06
N ILE A 199 -12.38 -11.14 -2.10
CA ILE A 199 -12.05 -11.69 -0.82
C ILE A 199 -13.17 -11.25 0.12
N TYR A 200 -13.68 -12.21 0.90
CA TYR A 200 -14.66 -11.94 1.91
C TYR A 200 -13.91 -12.03 3.23
N GLU A 201 -14.09 -11.04 4.08
CA GLU A 201 -13.44 -11.10 5.38
C GLU A 201 -14.29 -10.57 6.51
N GLU A 202 -13.95 -11.00 7.71
N GLU A 202 -13.94 -10.99 7.71
CA GLU A 202 -14.67 -10.58 8.89
CA GLU A 202 -14.63 -10.56 8.92
C GLU A 202 -14.45 -9.08 9.16
C GLU A 202 -14.45 -9.06 9.12
N PHE A 203 -15.50 -8.42 9.60
CA PHE A 203 -15.44 -7.00 9.92
C PHE A 203 -14.83 -6.84 11.32
N MET A 204 -13.75 -6.07 11.38
CA MET A 204 -13.04 -5.82 12.63
C MET A 204 -13.53 -4.50 13.23
N PRO A 205 -14.13 -4.56 14.41
CA PRO A 205 -14.65 -3.35 15.03
C PRO A 205 -13.53 -2.48 15.60
N THR A 206 -13.43 -1.25 15.16
CA THR A 206 -12.39 -0.32 15.64
C THR A 206 -13.11 0.84 16.29
N ASP A 207 -12.38 1.86 16.71
CA ASP A 207 -12.99 3.10 17.24
C ASP A 207 -13.52 4.04 16.15
N GLY A 208 -13.54 3.56 14.92
CA GLY A 208 -13.99 4.34 13.78
C GLY A 208 -12.83 5.00 13.05
N THR A 209 -11.60 4.62 13.36
CA THR A 209 -10.45 5.15 12.62
C THR A 209 -9.61 3.98 12.10
N ASP A 210 -8.81 4.30 11.08
CA ASP A 210 -7.83 3.39 10.49
C ASP A 210 -6.46 3.90 10.88
N VAL A 211 -5.51 3.02 11.16
CA VAL A 211 -4.13 3.46 11.39
C VAL A 211 -3.36 3.24 10.09
N LYS A 212 -2.77 4.32 9.58
CA LYS A 212 -1.94 4.22 8.37
C LYS A 212 -0.47 4.26 8.77
N VAL A 213 0.30 3.28 8.32
CA VAL A 213 1.71 3.14 8.70
C VAL A 213 2.58 3.31 7.49
N TYR A 214 3.71 4.00 7.67
CA TYR A 214 4.61 4.31 6.61
C TYR A 214 6.02 3.98 7.06
N THR A 215 6.61 2.95 6.46
CA THR A 215 7.93 2.52 6.82
C THR A 215 9.00 3.22 5.99
N VAL A 216 10.18 3.41 6.59
CA VAL A 216 11.41 3.75 5.85
C VAL A 216 12.50 2.81 6.33
N GLY A 217 12.55 1.66 5.68
CA GLY A 217 13.30 0.56 6.23
C GLY A 217 12.57 -0.08 7.39
N PRO A 218 13.10 -1.21 7.88
CA PRO A 218 12.28 -1.97 8.84
C PRO A 218 12.31 -1.42 10.26
N ASP A 219 13.20 -0.48 10.56
CA ASP A 219 13.35 0.07 11.91
C ASP A 219 12.82 1.51 12.06
N TYR A 220 12.09 2.01 11.06
CA TYR A 220 11.45 3.32 11.17
C TYR A 220 10.05 3.21 10.61
N ALA A 221 9.06 3.68 11.34
CA ALA A 221 7.72 3.71 10.82
C ALA A 221 7.02 4.92 11.43
N HIS A 222 6.39 5.72 10.60
CA HIS A 222 5.48 6.76 11.04
C HIS A 222 4.05 6.24 10.92
N ALA A 223 3.24 6.49 11.95
CA ALA A 223 1.85 6.14 11.85
C ALA A 223 0.95 7.35 12.12
N GLU A 224 -0.25 7.31 11.57
CA GLU A 224 -1.24 8.34 11.80
C GLU A 224 -2.60 7.72 11.57
N ALA A 225 -3.65 8.35 12.06
CA ALA A 225 -4.99 7.77 12.01
C ALA A 225 -5.89 8.67 11.20
N ARG A 226 -6.87 8.06 10.53
CA ARG A 226 -7.87 8.83 9.79
C ARG A 226 -9.20 8.18 9.99
N LYS A 227 -10.25 8.98 9.85
CA LYS A 227 -11.61 8.47 9.98
C LYS A 227 -11.82 7.33 9.01
N SER A 228 -12.40 6.23 9.46
CA SER A 228 -12.63 5.12 8.54
C SER A 228 -13.65 5.52 7.47
N PRO A 229 -13.35 5.28 6.18
CA PRO A 229 -14.35 5.56 5.13
C PRO A 229 -15.63 4.75 5.29
N ALA A 230 -15.51 3.58 5.90
CA ALA A 230 -16.66 2.74 6.22
C ALA A 230 -17.67 3.35 7.22
N LEU A 231 -17.41 4.55 7.77
CA LEU A 231 -18.24 5.12 8.84
C LEU A 231 -19.54 5.79 8.39
N ASP A 232 -19.41 6.92 7.70
CA ASP A 232 -20.54 7.54 6.98
C ASP A 232 -20.10 8.03 5.61
N GLY A 233 -18.80 8.08 5.38
CA GLY A 233 -18.28 8.40 4.07
C GLY A 233 -18.01 9.86 3.86
N LYS A 234 -18.28 10.73 4.84
CA LYS A 234 -17.89 12.12 4.66
C LYS A 234 -16.41 12.33 5.07
N VAL A 235 -15.63 12.90 4.17
CA VAL A 235 -14.20 13.15 4.43
C VAL A 235 -14.04 14.42 5.29
N GLU A 236 -13.23 14.30 6.34
CA GLU A 236 -12.88 15.44 7.19
C GLU A 236 -11.69 16.15 6.54
N ARG A 237 -11.88 17.42 6.18
CA ARG A 237 -10.82 18.18 5.53
C ARG A 237 -10.46 19.40 6.38
N ASP A 238 -9.21 19.84 6.30
CA ASP A 238 -8.82 21.10 6.94
C ASP A 238 -9.00 22.27 5.96
N SER A 239 -8.71 23.49 6.40
CA SER A 239 -8.82 24.67 5.53
C SER A 239 -7.95 24.57 4.26
N GLU A 240 -6.91 23.74 4.30
CA GLU A 240 -6.06 23.48 3.15
C GLU A 240 -6.55 22.32 2.26
N GLY A 241 -7.70 21.74 2.60
CA GLY A 241 -8.27 20.64 1.81
C GLY A 241 -7.53 19.32 1.93
N LYS A 242 -6.66 19.23 2.94
CA LYS A 242 -5.95 18.00 3.26
C LYS A 242 -6.85 17.17 4.19
N GLU A 243 -6.87 15.86 4.01
CA GLU A 243 -7.68 15.03 4.92
C GLU A 243 -7.12 15.18 6.34
N VAL A 244 -8.00 15.27 7.34
CA VAL A 244 -7.63 15.36 8.76
C VAL A 244 -6.98 14.06 9.22
N ARG A 245 -5.85 14.17 9.92
CA ARG A 245 -5.10 13.04 10.44
C ARG A 245 -4.98 13.18 11.96
N TYR A 246 -4.90 12.05 12.65
CA TYR A 246 -4.82 12.05 14.09
C TYR A 246 -3.52 11.38 14.48
N PRO A 247 -2.91 11.82 15.62
CA PRO A 247 -1.65 11.28 16.04
C PRO A 247 -1.77 9.82 16.47
N VAL A 248 -0.74 9.05 16.14
CA VAL A 248 -0.61 7.67 16.58
C VAL A 248 0.86 7.41 16.98
N ILE A 249 1.04 6.65 18.05
CA ILE A 249 2.32 6.05 18.39
C ILE A 249 2.11 4.54 18.42
N LEU A 250 2.93 3.84 17.66
CA LEU A 250 2.82 2.41 17.53
C LEU A 250 3.33 1.76 18.78
N ASN A 251 2.67 0.70 19.20
CA ASN A 251 3.12 -0.09 20.32
C ASN A 251 4.17 -1.11 19.86
N ALA A 252 4.71 -1.86 20.81
CA ALA A 252 5.83 -2.78 20.50
C ALA A 252 5.39 -3.83 19.48
N ARG A 253 4.18 -4.33 19.63
CA ARG A 253 3.65 -5.32 18.71
C ARG A 253 3.57 -4.73 17.30
N GLU A 254 3.10 -3.50 17.21
CA GLU A 254 2.89 -2.87 15.93
C GLU A 254 4.19 -2.48 15.22
N LYS A 255 5.20 -2.09 16.00
CA LYS A 255 6.52 -1.82 15.43
C LYS A 255 7.11 -3.08 14.81
N LEU A 256 6.83 -4.22 15.44
CA LEU A 256 7.24 -5.52 14.88
C LEU A 256 6.49 -5.84 13.60
N ILE A 257 5.19 -5.57 13.60
CA ILE A 257 4.40 -5.71 12.37
C ILE A 257 5.04 -4.95 11.23
N ALA A 258 5.46 -3.71 11.49
CA ALA A 258 6.02 -2.85 10.44
C ALA A 258 7.32 -3.42 9.93
N TRP A 259 8.13 -3.93 10.85
CA TRP A 259 9.40 -4.55 10.54
C TRP A 259 9.15 -5.73 9.62
N LYS A 260 8.20 -6.60 9.99
CA LYS A 260 7.87 -7.76 9.19
C LYS A 260 7.33 -7.40 7.77
N VAL A 261 6.43 -6.42 7.71
CA VAL A 261 5.85 -6.02 6.44
C VAL A 261 6.93 -5.50 5.51
N CYS A 262 7.76 -4.61 6.02
CA CYS A 262 8.82 -4.02 5.23
C CYS A 262 9.72 -5.11 4.60
N LEU A 263 10.14 -6.05 5.42
CA LEU A 263 11.05 -7.09 4.97
C LEU A 263 10.35 -8.17 4.13
N ALA A 264 9.14 -8.56 4.51
CA ALA A 264 8.44 -9.61 3.79
C ALA A 264 8.11 -9.23 2.35
N PHE A 265 7.72 -7.96 2.15
CA PHE A 265 7.43 -7.46 0.81
C PHE A 265 8.64 -6.83 0.10
N LYS A 266 9.78 -6.74 0.81
CA LYS A 266 11.03 -6.19 0.27
C LYS A 266 10.81 -4.76 -0.26
N GLN A 267 9.96 -4.01 0.45
CA GLN A 267 9.65 -2.63 0.15
C GLN A 267 10.20 -1.77 1.29
N THR A 268 11.37 -1.17 1.08
CA THR A 268 11.98 -0.29 2.06
C THR A 268 11.01 0.82 2.50
N VAL A 269 10.45 1.52 1.50
CA VAL A 269 9.42 2.50 1.70
C VAL A 269 8.08 1.78 1.48
N CYS A 270 7.29 1.64 2.51
CA CYS A 270 6.08 0.80 2.43
C CYS A 270 4.95 1.35 3.29
N GLY A 271 3.78 1.54 2.67
CA GLY A 271 2.61 1.85 3.40
C GLY A 271 1.75 0.62 3.60
N PHE A 272 1.12 0.57 4.76
CA PHE A 272 0.11 -0.43 5.07
C PHE A 272 -0.86 0.07 6.12
N ASP A 273 -2.00 -0.62 6.24
CA ASP A 273 -3.08 -0.17 7.12
C ASP A 273 -3.30 -1.18 8.24
N LEU A 274 -3.52 -0.66 9.44
CA LEU A 274 -3.80 -1.44 10.63
C LEU A 274 -5.19 -1.10 11.18
N LEU A 275 -5.88 -2.13 11.66
CA LEU A 275 -7.13 -2.00 12.32
C LEU A 275 -6.91 -2.38 13.76
N ARG A 276 -7.09 -1.42 14.66
CA ARG A 276 -6.92 -1.66 16.10
C ARG A 276 -8.27 -2.13 16.61
N ALA A 277 -8.35 -3.42 16.93
CA ALA A 277 -9.64 -4.04 17.28
C ALA A 277 -9.42 -5.16 18.23
N ASN A 278 -10.31 -5.25 19.21
CA ASN A 278 -10.32 -6.35 20.17
C ASN A 278 -8.96 -6.56 20.86
N GLY A 279 -8.27 -5.47 21.16
CA GLY A 279 -7.01 -5.53 21.89
C GLY A 279 -5.79 -5.98 21.08
N GLN A 280 -5.93 -6.06 19.78
CA GLN A 280 -4.83 -6.44 18.90
C GLN A 280 -4.81 -5.49 17.69
N SER A 281 -3.86 -5.67 16.79
CA SER A 281 -3.82 -4.85 15.57
C SER A 281 -3.70 -5.73 14.34
N TYR A 282 -4.62 -5.57 13.40
CA TYR A 282 -4.74 -6.43 12.24
C TYR A 282 -4.37 -5.68 10.99
N VAL A 283 -3.51 -6.25 10.15
CA VAL A 283 -3.18 -5.62 8.86
C VAL A 283 -4.33 -5.92 7.88
N CYS A 284 -4.85 -4.90 7.21
CA CYS A 284 -5.91 -5.14 6.23
C CYS A 284 -5.59 -4.78 4.79
N ASP A 285 -4.39 -4.24 4.55
CA ASP A 285 -4.03 -3.72 3.27
C ASP A 285 -2.54 -3.41 3.34
N VAL A 286 -1.82 -3.77 2.29
CA VAL A 286 -0.42 -3.36 2.12
C VAL A 286 -0.32 -2.69 0.75
N ASN A 287 0.10 -1.43 0.74
CA ASN A 287 0.09 -0.59 -0.45
C ASN A 287 1.43 -0.42 -1.15
N GLY A 288 2.52 -0.77 -0.49
CA GLY A 288 3.82 -0.55 -1.07
C GLY A 288 4.22 0.92 -0.98
N PHE A 289 5.00 1.38 -1.95
CA PHE A 289 5.68 2.66 -1.86
C PHE A 289 4.71 3.79 -1.64
N SER A 290 4.88 4.48 -0.51
N SER A 290 4.91 4.51 -0.54
CA SER A 290 4.07 5.63 -0.15
CA SER A 290 4.09 5.65 -0.19
C SER A 290 4.84 6.50 0.86
C SER A 290 4.80 6.50 0.87
N PHE A 291 4.78 7.81 0.65
CA PHE A 291 5.37 8.77 1.58
C PHE A 291 4.26 9.40 2.41
N VAL A 292 4.60 9.80 3.64
CA VAL A 292 3.73 10.63 4.47
C VAL A 292 3.64 12.00 3.84
N LYS A 293 2.45 12.58 3.90
CA LYS A 293 2.21 13.88 3.31
C LYS A 293 2.15 14.91 4.42
N ASN A 294 2.67 16.10 4.16
CA ASN A 294 2.52 17.24 5.08
C ASN A 294 3.19 17.11 6.45
N SER A 295 4.20 16.26 6.59
CA SER A 295 5.03 16.21 7.79
C SER A 295 6.46 16.59 7.46
N MET A 296 6.90 17.77 7.91
CA MET A 296 8.27 18.21 7.71
C MET A 296 9.29 17.27 8.33
N LYS A 297 8.98 16.75 9.52
CA LYS A 297 9.89 15.85 10.22
C LYS A 297 10.05 14.52 9.46
N TYR A 298 8.97 14.02 8.91
CA TYR A 298 9.04 12.81 8.09
C TYR A 298 9.94 13.04 6.88
N TYR A 299 9.77 14.19 6.21
CA TYR A 299 10.64 14.50 5.07
C TYR A 299 12.11 14.43 5.46
N ASP A 300 12.45 15.03 6.59
CA ASP A 300 13.81 15.04 7.10
C ASP A 300 14.29 13.62 7.38
N ASP A 301 13.48 12.88 8.13
CA ASP A 301 13.81 11.54 8.58
C ASP A 301 13.92 10.57 7.38
N CYS A 302 12.93 10.62 6.50
CA CYS A 302 12.92 9.73 5.36
C CYS A 302 14.14 9.94 4.47
N ALA A 303 14.44 11.20 4.16
CA ALA A 303 15.61 11.51 3.34
C ALA A 303 16.94 11.06 4.01
N LYS A 304 17.07 11.32 5.31
CA LYS A 304 18.26 10.91 6.05
C LYS A 304 18.41 9.40 6.01
N ILE A 305 17.32 8.67 6.25
CA ILE A 305 17.41 7.20 6.30
C ILE A 305 17.76 6.63 4.93
N LEU A 306 17.08 7.12 3.89
CA LEU A 306 17.34 6.62 2.54
C LEU A 306 18.78 6.92 2.13
N GLY A 307 19.24 8.15 2.38
CA GLY A 307 20.62 8.52 2.07
C GLY A 307 21.62 7.63 2.81
N ASN A 308 21.34 7.37 4.07
CA ASN A 308 22.19 6.50 4.87
C ASN A 308 22.22 5.05 4.34
N ILE A 309 21.08 4.54 3.88
CA ILE A 309 21.01 3.20 3.31
C ILE A 309 21.90 3.13 2.06
N VAL A 310 21.79 4.16 1.23
CA VAL A 310 22.59 4.24 0.00
C VAL A 310 24.08 4.28 0.35
N MET A 311 24.46 5.14 1.28
CA MET A 311 25.86 5.26 1.66
C MET A 311 26.36 3.93 2.26
N ARG A 312 25.58 3.32 3.13
CA ARG A 312 26.00 2.07 3.78
C ARG A 312 26.24 0.97 2.74
N GLU A 313 25.38 0.87 1.75
CA GLU A 313 25.54 -0.15 0.73
C GLU A 313 26.69 0.12 -0.25
N LEU A 314 26.84 1.36 -0.70
CA LEU A 314 27.67 1.65 -1.86
C LEU A 314 28.98 2.40 -1.55
N ALA A 315 29.07 3.06 -0.41
CA ALA A 315 30.31 3.81 -0.12
C ALA A 315 31.60 2.98 -0.23
N PRO A 316 31.59 1.73 0.27
CA PRO A 316 32.82 0.95 0.16
C PRO A 316 33.29 0.79 -1.29
N GLN A 317 32.38 0.46 -2.20
CA GLN A 317 32.79 0.26 -3.59
C GLN A 317 33.18 1.57 -4.27
N PHE A 318 32.72 2.70 -3.76
CA PHE A 318 33.15 4.02 -4.26
C PHE A 318 34.36 4.60 -3.55
N HIS A 319 34.87 3.86 -2.56
CA HIS A 319 35.99 4.29 -1.70
C HIS A 319 35.69 5.56 -0.90
N ILE A 320 34.44 5.68 -0.41
CA ILE A 320 34.03 6.84 0.37
C ILE A 320 33.98 6.44 1.82
N PRO A 321 34.64 7.19 2.72
CA PRO A 321 34.53 6.76 4.10
C PRO A 321 33.12 6.96 4.63
N TRP A 322 32.62 6.01 5.40
CA TRP A 322 31.29 6.13 5.95
C TRP A 322 31.16 5.46 7.28
N SER A 323 30.56 6.17 8.24
N SER A 323 30.56 6.18 8.23
CA SER A 323 30.38 5.67 9.59
CA SER A 323 30.20 5.66 9.54
C SER A 323 28.94 5.93 10.04
C SER A 323 28.69 5.83 9.74
#